data_6F48
#
_entry.id   6F48
#
_cell.length_a   55.500
_cell.length_b   48.950
_cell.length_c   61.250
_cell.angle_alpha   90.000
_cell.angle_beta   107.270
_cell.angle_gamma   90.000
#
_symmetry.space_group_name_H-M   'P 1 21 1'
#
loop_
_entity.id
_entity.type
_entity.pdbx_description
1 polymer 'Quinolinate synthase A'
2 non-polymer 'IRON/SULFUR CLUSTER'
3 non-polymer '2-imino,3-carboxy,5-hydroxy,6-oxo hexanoic acid'
4 non-polymer GLYCEROL
5 non-polymer 'CHLORIDE ION'
6 non-polymer 5-hydroxy,-4,5-dihydroquinolinate
7 water water
#
_entity_poly.entity_id   1
_entity_poly.type   'polypeptide(L)'
_entity_poly.pdbx_seq_one_letter_code
;MHHHHHHMVDEILKLKKEKGYIILAHNFQIPELQDIADFVGDSLQLARKAMELSEKKILFLGVDFMAELVKILNPDKKVI
VPDRSATCPMANRLTPEIIREYREKFPDAPVVLYVNSTSECKTLADVICTSANAVEVVKKLDSSVVIFGPDRNLGEYVAE
KTGKKVITIPENGHCPVHQFNAESIDAVRKKYPDAKVIVHPECPKPVRDKADYVGSTGQMEKIPERDPSRIFVIGTEIGM
IHKLKKKFPDREFVPLEMAVCVNMKKNTLENTLHALQTESFEVILPKEVIEKAKKPILRMFELMG
;
_entity_poly.pdbx_strand_id   A
#
loop_
_chem_comp.id
_chem_comp.type
_chem_comp.name
_chem_comp.formula
CL non-polymer 'CHLORIDE ION' 'Cl -1'
GOL non-polymer GLYCEROL 'C3 H8 O3'
SF4 non-polymer 'IRON/SULFUR CLUSTER' 'Fe4 S4'
XQB non-polymer '2-imino,3-carboxy,5-hydroxy,6-oxo hexanoic acid' 'C7 H9 N O6'
YQA non-polymer 5-hydroxy,-4,5-dihydroquinolinate 'C7 H7 N O5'
#
# COMPACT_ATOMS: atom_id res chain seq x y z
N HIS A 4 14.40 -20.06 19.56
CA HIS A 4 13.28 -20.42 18.64
C HIS A 4 13.11 -19.32 17.57
N HIS A 5 12.31 -18.30 17.89
CA HIS A 5 12.24 -17.08 17.07
C HIS A 5 13.44 -16.18 17.37
N HIS A 6 13.95 -16.19 18.60
CA HIS A 6 15.21 -15.49 18.93
C HIS A 6 16.36 -15.93 18.01
N HIS A 7 16.45 -17.25 17.75
CA HIS A 7 17.44 -17.84 16.82
C HIS A 7 17.25 -17.28 15.42
N MET A 8 16.03 -17.36 14.90
CA MET A 8 15.76 -16.86 13.54
C MET A 8 16.00 -15.37 13.45
N VAL A 9 15.51 -14.60 14.44
CA VAL A 9 15.70 -13.15 14.45
C VAL A 9 17.19 -12.81 14.48
N ASP A 10 17.97 -13.47 15.34
CA ASP A 10 19.41 -13.20 15.44
C ASP A 10 20.15 -13.51 14.15
N GLU A 11 19.83 -14.64 13.56
CA GLU A 11 20.42 -15.05 12.28
C GLU A 11 20.02 -14.10 11.13
N ILE A 12 18.78 -13.63 11.11
CA ILE A 12 18.33 -12.63 10.12
C ILE A 12 19.15 -11.36 10.27
N LEU A 13 19.29 -10.87 11.50
CA LEU A 13 20.03 -9.64 11.71
C LEU A 13 21.50 -9.81 11.32
N LYS A 14 22.05 -10.98 11.64
CA LYS A 14 23.41 -11.30 11.30
C LYS A 14 23.60 -11.32 9.78
N LEU A 15 22.74 -12.06 9.09
CA LEU A 15 22.89 -12.19 7.63
C LEU A 15 22.61 -10.89 6.90
N LYS A 16 21.64 -10.10 7.36
CA LYS A 16 21.39 -8.81 6.68
C LYS A 16 22.63 -7.92 6.73
N LYS A 17 23.29 -7.84 7.89
CA LYS A 17 24.51 -7.05 8.01
C LYS A 17 25.64 -7.63 7.17
N GLU A 18 25.86 -8.93 7.29
CA GLU A 18 26.94 -9.61 6.56
C GLU A 18 26.81 -9.42 5.03
N LYS A 19 25.60 -9.56 4.50
N LYS A 19 25.60 -9.56 4.50
CA LYS A 19 25.37 -9.56 3.05
CA LYS A 19 25.37 -9.55 3.04
C LYS A 19 24.97 -8.20 2.46
C LYS A 19 25.00 -8.18 2.46
N GLY A 20 24.85 -7.17 3.32
CA GLY A 20 24.59 -5.80 2.86
C GLY A 20 23.17 -5.49 2.43
N TYR A 21 22.23 -6.16 3.06
CA TYR A 21 20.81 -5.97 2.78
C TYR A 21 20.17 -4.93 3.68
N ILE A 22 19.34 -4.06 3.08
CA ILE A 22 18.37 -3.27 3.80
C ILE A 22 17.03 -3.98 3.72
N ILE A 23 16.34 -4.09 4.84
CA ILE A 23 15.04 -4.75 4.87
C ILE A 23 13.96 -3.69 4.91
N LEU A 24 13.08 -3.72 3.89
CA LEU A 24 11.89 -2.89 3.80
C LEU A 24 10.62 -3.72 3.97
N ALA A 25 9.76 -3.30 4.91
CA ALA A 25 8.57 -4.06 5.26
C ALA A 25 7.36 -3.15 5.10
N HIS A 26 6.35 -3.68 4.43
CA HIS A 26 5.08 -3.02 4.42
C HIS A 26 4.41 -3.06 5.81
N ASN A 27 3.57 -2.07 6.04
CA ASN A 27 2.74 -1.92 7.25
C ASN A 27 1.89 -3.14 7.59
N PHE A 28 1.59 -3.99 6.60
CA PHE A 28 0.72 -5.14 6.82
C PHE A 28 1.47 -6.44 7.08
N GLN A 29 2.79 -6.36 7.22
CA GLN A 29 3.57 -7.52 7.62
C GLN A 29 3.32 -7.84 9.10
N ILE A 30 3.56 -9.10 9.43
CA ILE A 30 3.47 -9.54 10.83
C ILE A 30 4.42 -8.70 11.71
N PRO A 31 4.07 -8.55 13.01
CA PRO A 31 4.92 -7.70 13.85
C PRO A 31 6.38 -8.11 13.91
N GLU A 32 6.61 -9.42 13.89
CA GLU A 32 7.97 -9.97 13.96
C GLU A 32 8.82 -9.51 12.79
N LEU A 33 8.20 -9.34 11.62
CA LEU A 33 8.91 -8.84 10.44
C LEU A 33 9.02 -7.32 10.43
N GLN A 34 7.99 -6.62 10.87
CA GLN A 34 8.13 -5.17 11.08
C GLN A 34 9.31 -4.86 12.01
N ASP A 35 9.47 -5.64 13.09
CA ASP A 35 10.48 -5.32 14.10
C ASP A 35 11.90 -5.62 13.66
N ILE A 36 12.10 -6.48 12.65
CA ILE A 36 13.45 -6.72 12.08
C ILE A 36 13.77 -5.85 10.87
N ALA A 37 12.78 -5.11 10.36
CA ALA A 37 12.98 -4.24 9.21
C ALA A 37 13.76 -2.95 9.55
N ASP A 38 14.47 -2.42 8.57
CA ASP A 38 15.09 -1.13 8.69
C ASP A 38 14.09 -0.01 8.55
N PHE A 39 13.07 -0.22 7.71
CA PHE A 39 12.00 0.74 7.46
C PHE A 39 10.71 0.00 7.22
N VAL A 40 9.63 0.54 7.78
CA VAL A 40 8.30 0.00 7.66
C VAL A 40 7.45 1.15 7.18
N GLY A 41 6.69 0.91 6.12
CA GLY A 41 5.83 1.95 5.59
C GLY A 41 4.93 1.44 4.49
N ASP A 42 4.32 2.38 3.79
CA ASP A 42 3.44 2.06 2.64
C ASP A 42 4.30 1.84 1.38
N SER A 43 3.69 1.36 0.29
CA SER A 43 4.47 0.95 -0.89
C SER A 43 5.35 2.04 -1.50
N LEU A 44 4.79 3.22 -1.71
CA LEU A 44 5.54 4.32 -2.26
C LEU A 44 6.56 4.88 -1.25
N GLN A 45 6.19 4.97 0.03
CA GLN A 45 7.15 5.40 1.07
C GLN A 45 8.39 4.52 1.00
N LEU A 46 8.19 3.21 0.85
CA LEU A 46 9.31 2.27 0.83
C LEU A 46 10.17 2.40 -0.44
N ALA A 47 9.50 2.62 -1.55
CA ALA A 47 10.21 2.72 -2.84
C ALA A 47 11.05 4.00 -2.87
N ARG A 48 10.49 5.09 -2.36
CA ARG A 48 11.19 6.38 -2.24
C ARG A 48 12.33 6.29 -1.25
N LYS A 49 12.11 5.62 -0.13
CA LYS A 49 13.20 5.39 0.83
C LYS A 49 14.35 4.65 0.19
N ALA A 50 14.04 3.59 -0.58
CA ALA A 50 15.10 2.84 -1.25
C ALA A 50 15.98 3.69 -2.16
N MET A 51 15.37 4.70 -2.79
CA MET A 51 16.09 5.62 -3.67
C MET A 51 17.16 6.40 -2.95
N GLU A 52 16.98 6.57 -1.64
CA GLU A 52 17.94 7.29 -0.81
C GLU A 52 19.10 6.45 -0.31
N LEU A 53 19.00 5.13 -0.42
CA LEU A 53 19.97 4.21 0.18
C LEU A 53 21.27 4.08 -0.59
N SER A 54 22.37 3.99 0.19
CA SER A 54 23.69 3.69 -0.36
CA SER A 54 23.69 3.69 -0.36
C SER A 54 23.84 2.19 -0.68
N GLU A 55 23.07 1.36 0.01
CA GLU A 55 23.08 -0.09 -0.18
C GLU A 55 22.47 -0.44 -1.54
N LYS A 56 22.92 -1.56 -2.08
CA LYS A 56 22.46 -2.02 -3.40
C LYS A 56 21.67 -3.31 -3.35
N LYS A 57 21.34 -3.78 -2.16
CA LYS A 57 20.57 -4.99 -1.96
C LYS A 57 19.46 -4.73 -0.98
N ILE A 58 18.26 -5.16 -1.37
CA ILE A 58 17.04 -4.94 -0.63
C ILE A 58 16.33 -6.24 -0.45
N LEU A 59 15.91 -6.52 0.78
CA LEU A 59 14.99 -7.59 1.09
C LEU A 59 13.64 -6.92 1.31
N PHE A 60 12.69 -7.21 0.42
CA PHE A 60 11.41 -6.58 0.48
C PHE A 60 10.33 -7.50 1.02
N LEU A 61 9.60 -7.02 2.03
CA LEU A 61 8.57 -7.78 2.72
C LEU A 61 7.19 -7.16 2.52
N GLY A 62 6.47 -7.72 1.56
CA GLY A 62 5.15 -7.23 1.18
C GLY A 62 4.56 -8.15 0.11
N VAL A 63 4.00 -7.53 -0.93
CA VAL A 63 3.46 -8.30 -2.08
C VAL A 63 4.10 -7.80 -3.37
N ASP A 64 3.90 -8.59 -4.43
CA ASP A 64 4.72 -8.48 -5.61
C ASP A 64 4.71 -7.10 -6.29
N PHE A 65 3.55 -6.45 -6.40
CA PHE A 65 3.48 -5.15 -7.10
C PHE A 65 4.33 -4.11 -6.36
N MET A 66 4.43 -4.28 -5.05
CA MET A 66 5.21 -3.36 -4.24
C MET A 66 6.70 -3.57 -4.38
N ALA A 67 7.13 -4.85 -4.33
CA ALA A 67 8.51 -5.18 -4.62
C ALA A 67 8.91 -4.67 -6.01
N GLU A 68 8.04 -4.87 -6.98
CA GLU A 68 8.29 -4.39 -8.34
C GLU A 68 8.36 -2.87 -8.44
N LEU A 69 7.53 -2.15 -7.68
CA LEU A 69 7.62 -0.70 -7.57
C LEU A 69 8.98 -0.24 -7.08
N VAL A 70 9.48 -0.93 -6.06
CA VAL A 70 10.82 -0.68 -5.57
C VAL A 70 11.83 -0.91 -6.70
N LYS A 71 11.71 -2.01 -7.40
CA LYS A 71 12.62 -2.33 -8.49
C LYS A 71 12.54 -1.31 -9.62
N ILE A 72 11.34 -0.86 -9.97
CA ILE A 72 11.16 0.14 -11.05
C ILE A 72 11.93 1.44 -10.75
N LEU A 73 11.84 1.88 -9.48
CA LEU A 73 12.49 3.11 -9.06
C LEU A 73 13.96 2.93 -8.62
N ASN A 74 14.40 1.67 -8.49
CA ASN A 74 15.76 1.31 -8.09
C ASN A 74 16.27 0.19 -8.97
N PRO A 75 16.32 0.42 -10.29
CA PRO A 75 16.60 -0.69 -11.22
C PRO A 75 17.94 -1.41 -11.05
N ASP A 76 18.96 -0.70 -10.53
CA ASP A 76 20.29 -1.29 -10.37
C ASP A 76 20.51 -1.96 -9.02
N LYS A 77 19.48 -2.02 -8.17
CA LYS A 77 19.58 -2.77 -6.94
C LYS A 77 19.08 -4.20 -7.14
N LYS A 78 19.64 -5.15 -6.39
CA LYS A 78 19.06 -6.48 -6.27
C LYS A 78 17.95 -6.46 -5.20
N VAL A 79 16.71 -6.69 -5.60
CA VAL A 79 15.58 -6.72 -4.73
C VAL A 79 15.11 -8.17 -4.65
N ILE A 80 15.10 -8.73 -3.43
CA ILE A 80 14.62 -10.10 -3.21
C ILE A 80 13.36 -10.12 -2.35
N VAL A 81 12.56 -11.17 -2.51
CA VAL A 81 11.37 -11.41 -1.72
C VAL A 81 11.35 -12.85 -1.23
N PRO A 82 10.83 -13.08 -0.01
CA PRO A 82 10.86 -14.43 0.52
C PRO A 82 9.82 -15.38 -0.06
N ASP A 83 8.70 -14.85 -0.53
CA ASP A 83 7.62 -15.68 -1.12
C ASP A 83 7.20 -15.01 -2.43
N ARG A 84 7.61 -15.65 -3.52
CA ARG A 84 7.39 -15.06 -4.84
C ARG A 84 5.91 -15.09 -5.29
N SER A 85 5.04 -15.83 -4.58
CA SER A 85 3.60 -15.88 -4.87
C SER A 85 2.79 -14.80 -4.13
N ALA A 86 3.43 -14.09 -3.19
CA ALA A 86 2.75 -13.04 -2.47
C ALA A 86 2.33 -11.96 -3.48
N THR A 87 1.02 -11.74 -3.59
CA THR A 87 0.44 -10.93 -4.64
C THR A 87 -0.80 -10.22 -4.12
N CYS A 88 -1.36 -9.32 -4.92
CA CYS A 88 -2.56 -8.59 -4.57
C CYS A 88 -3.71 -9.03 -5.47
N PRO A 89 -4.67 -9.77 -4.91
CA PRO A 89 -5.75 -10.21 -5.79
C PRO A 89 -6.54 -9.08 -6.43
N MET A 90 -6.63 -7.93 -5.76
CA MET A 90 -7.35 -6.79 -6.35
C MET A 90 -6.61 -6.27 -7.56
N ALA A 91 -5.30 -6.08 -7.42
CA ALA A 91 -4.48 -5.60 -8.53
C ALA A 91 -4.65 -6.54 -9.72
N ASN A 92 -4.66 -7.84 -9.43
CA ASN A 92 -4.58 -8.85 -10.48
C ASN A 92 -5.84 -8.96 -11.31
N ARG A 93 -6.97 -8.46 -10.81
CA ARG A 93 -8.22 -8.46 -11.57
C ARG A 93 -8.25 -7.42 -12.70
N LEU A 94 -7.38 -6.41 -12.67
CA LEU A 94 -7.29 -5.48 -13.78
C LEU A 94 -6.25 -5.97 -14.78
N THR A 95 -6.63 -5.94 -16.06
CA THR A 95 -5.81 -6.48 -17.13
C THR A 95 -5.51 -5.43 -18.20
N PRO A 96 -4.43 -5.66 -18.99
CA PRO A 96 -4.18 -4.82 -20.18
C PRO A 96 -5.39 -4.75 -21.11
N GLU A 97 -6.07 -5.88 -21.27
CA GLU A 97 -7.21 -5.94 -22.19
C GLU A 97 -8.31 -4.96 -21.75
N ILE A 98 -8.59 -4.90 -20.44
CA ILE A 98 -9.65 -4.02 -19.92
C ILE A 98 -9.24 -2.55 -20.07
N ILE A 99 -7.99 -2.25 -19.78
CA ILE A 99 -7.51 -0.85 -19.92
C ILE A 99 -7.66 -0.40 -21.41
N ARG A 100 -7.24 -1.27 -22.33
CA ARG A 100 -7.32 -0.92 -23.75
C ARG A 100 -8.76 -0.78 -24.20
N GLU A 101 -9.66 -1.64 -23.73
CA GLU A 101 -11.10 -1.52 -24.06
C GLU A 101 -11.62 -0.16 -23.61
N TYR A 102 -11.33 0.23 -22.36
CA TYR A 102 -11.82 1.52 -21.84
C TYR A 102 -11.21 2.79 -22.46
N ARG A 103 -9.94 2.71 -22.83
CA ARG A 103 -9.29 3.82 -23.57
C ARG A 103 -9.98 4.02 -24.91
N GLU A 104 -10.26 2.90 -25.60
CA GLU A 104 -11.01 2.94 -26.88
C GLU A 104 -12.36 3.62 -26.76
N LYS A 105 -13.12 3.26 -25.72
CA LYS A 105 -14.44 3.86 -25.48
C LYS A 105 -14.40 5.32 -25.02
N PHE A 106 -13.39 5.67 -24.23
CA PHE A 106 -13.30 6.99 -23.63
C PHE A 106 -11.90 7.55 -23.89
N PRO A 107 -11.55 7.82 -25.18
CA PRO A 107 -10.19 8.18 -25.55
C PRO A 107 -9.65 9.50 -25.01
N ASP A 108 -10.52 10.37 -24.46
CA ASP A 108 -10.06 11.63 -23.87
C ASP A 108 -9.89 11.55 -22.35
N ALA A 109 -10.21 10.40 -21.76
CA ALA A 109 -10.10 10.19 -20.28
C ALA A 109 -8.72 9.66 -19.86
N PRO A 110 -7.94 10.44 -19.07
CA PRO A 110 -6.67 9.87 -18.60
C PRO A 110 -6.89 8.61 -17.78
N VAL A 111 -5.97 7.65 -17.94
CA VAL A 111 -6.02 6.40 -17.19
C VAL A 111 -5.20 6.60 -15.93
N VAL A 112 -5.92 6.67 -14.81
CA VAL A 112 -5.32 6.89 -13.49
C VAL A 112 -5.32 5.54 -12.77
N LEU A 113 -4.13 5.01 -12.51
CA LEU A 113 -4.02 3.69 -11.88
CA LEU A 113 -3.96 3.70 -11.92
C LEU A 113 -3.46 3.84 -10.47
N TYR A 114 -4.22 3.31 -9.53
CA TYR A 114 -3.82 3.14 -8.16
C TYR A 114 -2.56 2.32 -8.11
N VAL A 115 -1.67 2.67 -7.18
CA VAL A 115 -0.42 2.00 -7.06
C VAL A 115 -0.59 0.49 -6.86
N ASN A 116 -1.71 0.07 -6.26
CA ASN A 116 -2.05 -1.36 -6.13
C ASN A 116 -2.56 -1.85 -7.48
N SER A 117 -1.60 -2.16 -8.34
CA SER A 117 -1.87 -2.52 -9.74
C SER A 117 -0.65 -3.27 -10.20
N THR A 118 -0.82 -4.14 -11.20
CA THR A 118 0.31 -4.87 -11.68
C THR A 118 1.26 -3.91 -12.43
N SER A 119 2.52 -4.28 -12.47
CA SER A 119 3.50 -3.51 -13.22
C SER A 119 3.16 -3.44 -14.72
N GLU A 120 2.65 -4.54 -15.28
CA GLU A 120 2.22 -4.54 -16.69
C GLU A 120 1.12 -3.48 -16.90
N CYS A 121 0.15 -3.43 -15.97
CA CYS A 121 -0.90 -2.44 -16.04
C CYS A 121 -0.33 -1.03 -15.93
N LYS A 122 0.65 -0.86 -15.06
CA LYS A 122 1.30 0.45 -14.95
C LYS A 122 1.89 0.95 -16.27
N THR A 123 2.43 0.04 -17.09
CA THR A 123 2.99 0.43 -18.37
C THR A 123 1.94 1.07 -19.30
N LEU A 124 0.67 0.83 -18.99
CA LEU A 124 -0.45 1.33 -19.78
C LEU A 124 -1.18 2.52 -19.18
N ALA A 125 -0.68 3.07 -18.05
CA ALA A 125 -1.37 4.12 -17.35
C ALA A 125 -0.87 5.48 -17.78
N ASP A 126 -1.73 6.48 -17.67
CA ASP A 126 -1.29 7.87 -17.85
C ASP A 126 -0.65 8.44 -16.61
N VAL A 127 -1.17 8.04 -15.44
CA VAL A 127 -0.60 8.51 -14.18
C VAL A 127 -0.88 7.46 -13.12
N ILE A 128 0.05 7.32 -12.17
CA ILE A 128 -0.16 6.49 -11.00
C ILE A 128 -0.64 7.39 -9.85
N CYS A 129 -1.35 6.80 -8.90
CA CYS A 129 -1.65 7.52 -7.64
C CYS A 129 -1.58 6.57 -6.47
N THR A 130 -1.51 7.17 -5.29
CA THR A 130 -1.59 6.44 -4.01
C THR A 130 -2.90 6.81 -3.39
N SER A 131 -3.26 6.11 -2.31
CA SER A 131 -4.49 6.45 -1.58
C SER A 131 -4.40 7.85 -0.95
N ALA A 132 -3.18 8.28 -0.61
CA ALA A 132 -2.96 9.62 -0.03
C ALA A 132 -3.05 10.74 -1.06
N ASN A 133 -2.60 10.50 -2.31
CA ASN A 133 -2.52 11.61 -3.26
C ASN A 133 -3.54 11.54 -4.39
N ALA A 134 -4.41 10.52 -4.39
CA ALA A 134 -5.35 10.30 -5.51
C ALA A 134 -6.22 11.53 -5.77
N VAL A 135 -6.76 12.13 -4.71
CA VAL A 135 -7.69 13.25 -4.88
C VAL A 135 -6.95 14.41 -5.56
N GLU A 136 -5.77 14.75 -5.03
CA GLU A 136 -4.94 15.84 -5.55
C GLU A 136 -4.48 15.57 -6.98
N VAL A 137 -4.02 14.34 -7.25
CA VAL A 137 -3.65 13.95 -8.62
C VAL A 137 -4.81 14.16 -9.62
N VAL A 138 -5.98 13.64 -9.29
CA VAL A 138 -7.13 13.75 -10.16
C VAL A 138 -7.65 15.18 -10.28
N LYS A 139 -7.58 15.96 -9.19
CA LYS A 139 -7.91 17.38 -9.26
C LYS A 139 -7.05 18.13 -10.26
N LYS A 140 -5.76 17.82 -10.23
CA LYS A 140 -4.79 18.53 -11.06
C LYS A 140 -4.78 18.14 -12.53
N LEU A 141 -5.40 17.02 -12.89
CA LEU A 141 -5.50 16.61 -14.29
C LEU A 141 -6.40 17.58 -15.04
N ASP A 142 -6.07 17.91 -16.28
CA ASP A 142 -6.93 18.80 -17.09
C ASP A 142 -8.37 18.28 -17.20
N SER A 143 -8.51 16.98 -17.38
CA SER A 143 -9.79 16.36 -17.71
C SER A 143 -10.72 16.34 -16.50
N SER A 144 -12.01 16.52 -16.76
CA SER A 144 -13.03 16.38 -15.74
C SER A 144 -13.60 14.94 -15.73
N VAL A 145 -13.03 14.06 -16.54
CA VAL A 145 -13.38 12.63 -16.53
C VAL A 145 -12.10 11.79 -16.56
N VAL A 146 -12.04 10.77 -15.71
CA VAL A 146 -10.90 9.87 -15.68
C VAL A 146 -11.34 8.42 -15.64
N ILE A 147 -10.46 7.56 -16.15
CA ILE A 147 -10.57 6.13 -15.99
C ILE A 147 -9.73 5.81 -14.76
N PHE A 148 -10.28 5.01 -13.86
CA PHE A 148 -9.63 4.74 -12.56
C PHE A 148 -9.75 3.28 -12.19
N GLY A 149 -8.64 2.69 -11.79
CA GLY A 149 -8.65 1.35 -11.25
C GLY A 149 -7.43 1.05 -10.42
N PRO A 150 -7.40 -0.12 -9.76
CA PRO A 150 -8.40 -1.18 -9.85
C PRO A 150 -9.42 -1.18 -8.72
N ASP A 151 -9.42 -0.15 -7.86
CA ASP A 151 -10.31 -0.12 -6.71
CA ASP A 151 -10.29 -0.11 -6.69
C ASP A 151 -11.47 0.86 -6.92
N ARG A 152 -12.66 0.30 -6.98
CA ARG A 152 -13.87 1.08 -7.14
C ARG A 152 -14.13 2.01 -5.94
N ASN A 153 -13.79 1.56 -4.73
CA ASN A 153 -14.07 2.38 -3.54
C ASN A 153 -13.23 3.65 -3.51
N LEU A 154 -11.94 3.50 -3.74
CA LEU A 154 -11.07 4.64 -3.83
C LEU A 154 -11.48 5.56 -4.97
N GLY A 155 -11.85 4.97 -6.11
CA GLY A 155 -12.31 5.75 -7.25
C GLY A 155 -13.53 6.60 -6.89
N GLU A 156 -14.51 5.98 -6.23
CA GLU A 156 -15.74 6.68 -5.85
C GLU A 156 -15.46 7.79 -4.82
N TYR A 157 -14.55 7.52 -3.88
CA TYR A 157 -14.07 8.53 -2.94
C TYR A 157 -13.47 9.73 -3.68
N VAL A 158 -12.63 9.44 -4.68
CA VAL A 158 -12.01 10.48 -5.49
C VAL A 158 -13.08 11.32 -6.22
N ALA A 159 -14.08 10.64 -6.80
CA ALA A 159 -15.21 11.33 -7.45
C ALA A 159 -15.90 12.28 -6.48
N GLU A 160 -16.16 11.80 -5.27
CA GLU A 160 -16.81 12.63 -4.26
C GLU A 160 -16.00 13.87 -3.92
N LYS A 161 -14.69 13.72 -3.78
CA LYS A 161 -13.84 14.84 -3.34
C LYS A 161 -13.51 15.83 -4.46
N THR A 162 -13.41 15.35 -5.69
CA THR A 162 -13.01 16.20 -6.81
C THR A 162 -14.19 16.73 -7.58
N GLY A 163 -15.33 16.06 -7.50
CA GLY A 163 -16.48 16.39 -8.32
C GLY A 163 -16.32 15.98 -9.78
N LYS A 164 -15.29 15.19 -10.08
CA LYS A 164 -15.05 14.73 -11.44
C LYS A 164 -15.70 13.38 -11.62
N LYS A 165 -15.96 13.07 -12.88
CA LYS A 165 -16.49 11.77 -13.26
C LYS A 165 -15.35 10.73 -13.27
N VAL A 166 -15.55 9.65 -12.52
CA VAL A 166 -14.56 8.59 -12.41
C VAL A 166 -15.15 7.29 -12.92
N ILE A 167 -14.60 6.78 -14.02
CA ILE A 167 -15.04 5.52 -14.61
C ILE A 167 -14.17 4.40 -14.06
N THR A 168 -14.75 3.56 -13.19
CA THR A 168 -13.98 2.56 -12.48
C THR A 168 -13.87 1.26 -13.26
N ILE A 169 -12.65 0.69 -13.26
CA ILE A 169 -12.36 -0.61 -13.85
C ILE A 169 -11.46 -1.39 -12.89
N PRO A 170 -11.55 -2.73 -12.86
CA PRO A 170 -12.54 -3.54 -13.51
C PRO A 170 -13.90 -3.46 -12.82
N GLU A 171 -14.88 -4.21 -13.31
CA GLU A 171 -16.18 -4.28 -12.67
CA GLU A 171 -16.17 -4.22 -12.66
C GLU A 171 -16.01 -4.82 -11.25
N ASN A 172 -16.57 -4.10 -10.28
CA ASN A 172 -16.52 -4.50 -8.89
C ASN A 172 -15.10 -4.67 -8.31
N GLY A 173 -14.14 -3.90 -8.81
CA GLY A 173 -12.79 -3.94 -8.26
C GLY A 173 -12.82 -3.46 -6.82
N HIS A 174 -12.25 -4.27 -5.93
CA HIS A 174 -12.24 -3.92 -4.52
C HIS A 174 -11.23 -4.77 -3.78
N CYS A 175 -10.87 -4.31 -2.57
CA CYS A 175 -10.02 -5.07 -1.67
C CYS A 175 -10.92 -5.80 -0.67
N PRO A 176 -10.88 -7.14 -0.63
CA PRO A 176 -11.71 -7.93 0.32
C PRO A 176 -11.40 -7.65 1.79
N VAL A 177 -10.16 -7.26 2.06
CA VAL A 177 -9.70 -7.01 3.44
C VAL A 177 -10.42 -5.80 4.06
N HIS A 178 -10.75 -4.81 3.24
CA HIS A 178 -11.31 -3.55 3.71
C HIS A 178 -12.85 -3.49 3.69
N GLN A 179 -13.54 -4.63 3.48
CA GLN A 179 -15.00 -4.64 3.43
C GLN A 179 -15.60 -4.80 4.82
N PHE A 180 -15.30 -3.83 5.67
CA PHE A 180 -15.85 -3.73 7.02
C PHE A 180 -17.33 -3.45 6.92
N ASN A 181 -18.06 -3.73 8.01
CA ASN A 181 -19.48 -3.40 8.12
C ASN A 181 -19.59 -2.06 8.82
N ALA A 182 -20.49 -1.20 8.35
CA ALA A 182 -20.74 0.09 9.02
C ALA A 182 -21.23 -0.10 10.46
N GLU A 183 -21.87 -1.24 10.70
CA GLU A 183 -22.40 -1.60 12.02
C GLU A 183 -21.29 -1.76 13.05
N SER A 184 -20.10 -2.13 12.61
CA SER A 184 -18.94 -2.19 13.48
C SER A 184 -18.61 -0.81 14.02
N ILE A 185 -18.83 0.24 13.22
CA ILE A 185 -18.60 1.60 13.72
C ILE A 185 -19.67 1.95 14.76
N ASP A 186 -20.93 1.64 14.47
CA ASP A 186 -22.01 1.88 15.44
C ASP A 186 -21.67 1.22 16.79
N ALA A 187 -21.15 -0.01 16.75
CA ALA A 187 -20.81 -0.75 17.97
C ALA A 187 -19.64 -0.14 18.76
N VAL A 188 -18.56 0.28 18.10
CA VAL A 188 -17.44 0.96 18.84
C VAL A 188 -17.80 2.34 19.34
N ARG A 189 -18.69 3.07 18.64
CA ARG A 189 -19.17 4.37 19.16
C ARG A 189 -19.77 4.17 20.57
N LYS A 190 -20.64 3.17 20.70
CA LYS A 190 -21.29 2.83 21.98
C LYS A 190 -20.28 2.41 23.04
N LYS A 191 -19.34 1.57 22.64
CA LYS A 191 -18.34 0.99 23.54
C LYS A 191 -17.26 1.98 23.99
N TYR A 192 -16.75 2.78 23.04
CA TYR A 192 -15.77 3.84 23.31
C TYR A 192 -16.27 5.20 22.75
N PRO A 193 -17.22 5.86 23.45
CA PRO A 193 -17.84 7.12 22.97
C PRO A 193 -16.89 8.25 22.54
N ASP A 194 -15.68 8.29 23.12
CA ASP A 194 -14.69 9.30 22.80
C ASP A 194 -13.60 8.84 21.82
N ALA A 195 -13.71 7.62 21.30
CA ALA A 195 -12.72 7.15 20.33
C ALA A 195 -12.91 7.86 18.99
N LYS A 196 -11.80 8.06 18.27
CA LYS A 196 -11.82 8.56 16.91
C LYS A 196 -11.65 7.37 15.97
N VAL A 197 -12.54 7.29 14.99
CA VAL A 197 -12.54 6.20 14.03
C VAL A 197 -11.83 6.67 12.77
N ILE A 198 -10.76 5.96 12.39
CA ILE A 198 -10.02 6.23 11.16
C ILE A 198 -10.13 5.01 10.24
N VAL A 199 -10.58 5.21 9.02
CA VAL A 199 -10.72 4.11 8.03
C VAL A 199 -10.05 4.44 6.72
N HIS A 200 -9.68 3.39 6.00
CA HIS A 200 -9.02 3.52 4.69
C HIS A 200 -10.05 3.92 3.62
N PRO A 201 -9.64 4.68 2.59
CA PRO A 201 -10.60 5.01 1.51
C PRO A 201 -11.00 3.80 0.64
N GLU A 202 -10.27 2.68 0.75
CA GLU A 202 -10.67 1.40 0.15
C GLU A 202 -11.90 0.79 0.81
N CYS A 203 -12.26 1.28 2.00
CA CYS A 203 -13.49 0.85 2.66
C CYS A 203 -14.70 1.33 1.90
N PRO A 204 -15.83 0.59 2.01
CA PRO A 204 -17.05 1.02 1.34
C PRO A 204 -17.59 2.33 1.90
N LYS A 205 -18.38 3.00 1.06
CA LYS A 205 -18.88 4.31 1.37
C LYS A 205 -19.56 4.44 2.75
N PRO A 206 -20.43 3.49 3.13
CA PRO A 206 -21.09 3.67 4.44
C PRO A 206 -20.11 3.68 5.61
N VAL A 207 -18.99 2.97 5.45
CA VAL A 207 -17.93 2.93 6.44
C VAL A 207 -17.15 4.25 6.43
N ARG A 208 -16.78 4.71 5.24
CA ARG A 208 -16.10 5.99 5.11
C ARG A 208 -16.89 7.12 5.75
N ASP A 209 -18.18 7.16 5.42
CA ASP A 209 -19.05 8.23 5.86
C ASP A 209 -19.31 8.24 7.36
N LYS A 210 -19.22 7.09 8.03
CA LYS A 210 -19.37 7.03 9.50
C LYS A 210 -18.08 7.28 10.28
N ALA A 211 -16.96 7.40 9.59
CA ALA A 211 -15.65 7.55 10.22
C ALA A 211 -15.39 9.01 10.56
N ASP A 212 -14.55 9.24 11.57
CA ASP A 212 -14.05 10.58 11.83
C ASP A 212 -13.03 11.04 10.80
N TYR A 213 -12.17 10.11 10.39
CA TYR A 213 -11.15 10.37 9.38
C TYR A 213 -11.16 9.27 8.32
N VAL A 214 -10.89 9.67 7.08
CA VAL A 214 -10.57 8.71 6.02
C VAL A 214 -9.14 9.00 5.58
N GLY A 215 -8.30 7.96 5.56
CA GLY A 215 -6.97 8.12 5.06
C GLY A 215 -6.19 6.84 4.82
N SER A 216 -5.09 7.02 4.09
CA SER A 216 -4.11 5.97 3.82
C SER A 216 -3.43 5.57 5.11
N THR A 217 -2.68 4.47 5.10
CA THR A 217 -1.95 4.07 6.32
C THR A 217 -0.93 5.14 6.74
N GLY A 218 -0.24 5.72 5.76
CA GLY A 218 0.65 6.84 5.99
C GLY A 218 -0.06 8.03 6.63
N GLN A 219 -1.29 8.28 6.22
CA GLN A 219 -2.08 9.34 6.81
C GLN A 219 -2.57 8.99 8.21
N MET A 220 -2.97 7.74 8.40
CA MET A 220 -3.37 7.26 9.73
C MET A 220 -2.29 7.49 10.79
N GLU A 221 -1.04 7.25 10.42
CA GLU A 221 0.04 7.36 11.41
CA GLU A 221 0.02 7.35 11.39
C GLU A 221 0.46 8.80 11.75
N LYS A 222 -0.03 9.75 10.96
CA LYS A 222 0.13 11.17 11.24
C LYS A 222 -1.01 11.79 12.09
N ILE A 223 -2.18 11.15 12.11
CA ILE A 223 -3.36 11.71 12.78
C ILE A 223 -3.14 11.94 14.28
N PRO A 224 -2.51 10.98 14.99
CA PRO A 224 -2.28 11.21 16.43
C PRO A 224 -1.26 12.33 16.74
N GLU A 225 -0.53 12.82 15.75
CA GLU A 225 0.31 14.01 15.89
C GLU A 225 -0.51 15.29 16.06
N ARG A 226 -1.75 15.30 15.57
CA ARG A 226 -2.60 16.48 15.65
C ARG A 226 -3.92 16.26 16.42
N ASP A 227 -4.27 15.01 16.72
CA ASP A 227 -5.51 14.69 17.45
C ASP A 227 -5.06 14.05 18.75
N PRO A 228 -5.35 14.68 19.91
CA PRO A 228 -4.87 14.11 21.18
C PRO A 228 -5.71 12.96 21.76
N SER A 229 -6.66 12.44 21.00
CA SER A 229 -7.57 11.38 21.48
CA SER A 229 -7.58 11.44 21.54
C SER A 229 -6.80 10.22 22.07
N ARG A 230 -7.33 9.66 23.15
CA ARG A 230 -6.70 8.54 23.83
C ARG A 230 -6.85 7.26 23.05
N ILE A 231 -7.99 7.10 22.39
CA ILE A 231 -8.33 5.86 21.66
C ILE A 231 -8.63 6.14 20.17
N PHE A 232 -8.04 5.34 19.29
CA PHE A 232 -8.34 5.36 17.88
C PHE A 232 -8.80 3.96 17.48
N VAL A 233 -9.88 3.91 16.73
CA VAL A 233 -10.36 2.67 16.13
C VAL A 233 -9.92 2.70 14.67
N ILE A 234 -9.35 1.59 14.21
CA ILE A 234 -8.61 1.56 12.94
C ILE A 234 -9.23 0.58 11.92
N GLY A 235 -9.74 1.13 10.82
CA GLY A 235 -10.34 0.34 9.74
C GLY A 235 -9.36 0.09 8.61
N THR A 236 -8.40 -0.78 8.88
CA THR A 236 -7.50 -1.31 7.85
C THR A 236 -6.99 -2.68 8.30
N GLU A 237 -6.04 -3.22 7.56
CA GLU A 237 -5.47 -4.52 7.83
C GLU A 237 -4.73 -4.50 9.20
N ILE A 238 -4.84 -5.62 9.90
CA ILE A 238 -4.40 -5.75 11.31
C ILE A 238 -2.94 -5.36 11.60
N GLY A 239 -2.05 -5.51 10.64
CA GLY A 239 -0.68 -5.09 10.78
C GLY A 239 -0.46 -3.66 11.20
N MET A 240 -1.37 -2.76 10.83
CA MET A 240 -1.22 -1.36 11.14
C MET A 240 -1.35 -1.10 12.64
N ILE A 241 -2.06 -1.97 13.36
CA ILE A 241 -2.21 -1.81 14.83
C ILE A 241 -0.83 -1.81 15.48
N HIS A 242 0.01 -2.76 15.09
CA HIS A 242 1.35 -2.86 15.67
C HIS A 242 2.19 -1.61 15.37
N LYS A 243 2.12 -1.16 14.11
CA LYS A 243 2.85 0.02 13.66
C LYS A 243 2.45 1.25 14.49
N LEU A 244 1.15 1.43 14.62
CA LEU A 244 0.60 2.59 15.33
C LEU A 244 0.94 2.56 16.81
N LYS A 245 0.82 1.38 17.43
CA LYS A 245 1.08 1.26 18.87
C LYS A 245 2.58 1.50 19.15
N LYS A 246 3.46 1.09 18.24
CA LYS A 246 4.89 1.34 18.39
C LYS A 246 5.20 2.84 18.31
N LYS A 247 4.54 3.54 17.39
CA LYS A 247 4.80 4.99 17.19
CA LYS A 247 4.81 4.97 17.21
C LYS A 247 4.17 5.82 18.32
N PHE A 248 3.01 5.40 18.81
CA PHE A 248 2.26 6.16 19.84
C PHE A 248 1.90 5.25 21.02
N PRO A 249 2.91 4.89 21.84
CA PRO A 249 2.68 3.94 22.93
C PRO A 249 1.74 4.43 24.00
N ASP A 250 1.55 5.75 24.06
N ASP A 250 1.51 5.74 24.08
CA ASP A 250 0.61 6.44 24.96
CA ASP A 250 0.57 6.27 25.06
C ASP A 250 -0.86 6.34 24.57
C ASP A 250 -0.88 6.33 24.57
N ARG A 251 -1.16 5.86 23.35
CA ARG A 251 -2.54 5.76 22.87
C ARG A 251 -2.96 4.32 22.74
N GLU A 252 -4.27 4.10 22.63
CA GLU A 252 -4.82 2.77 22.37
CA GLU A 252 -4.84 2.77 22.36
C GLU A 252 -5.30 2.72 20.92
N PHE A 253 -4.95 1.62 20.23
CA PHE A 253 -5.40 1.37 18.86
C PHE A 253 -6.19 0.08 18.81
N VAL A 254 -7.46 0.22 18.44
CA VAL A 254 -8.43 -0.86 18.47
C VAL A 254 -8.83 -1.18 17.01
N PRO A 255 -8.70 -2.44 16.59
CA PRO A 255 -9.16 -2.78 15.22
C PRO A 255 -10.65 -2.63 15.03
N LEU A 256 -11.08 -2.03 13.94
CA LEU A 256 -12.52 -1.92 13.69
C LEU A 256 -13.14 -3.32 13.68
N GLU A 257 -12.49 -4.20 12.90
CA GLU A 257 -12.69 -5.65 12.93
C GLU A 257 -11.30 -6.27 12.63
N MET A 258 -11.17 -7.56 12.93
CA MET A 258 -9.99 -8.31 12.55
C MET A 258 -10.04 -8.48 11.02
N ALA A 259 -9.04 -7.97 10.33
CA ALA A 259 -8.95 -8.04 8.89
C ALA A 259 -7.53 -8.41 8.53
N VAL A 260 -7.36 -9.54 7.85
CA VAL A 260 -6.07 -10.09 7.54
C VAL A 260 -5.91 -10.26 6.03
N CYS A 261 -4.81 -9.74 5.49
CA CYS A 261 -4.45 -9.97 4.08
C CYS A 261 -3.60 -11.24 4.02
N VAL A 262 -4.20 -12.31 3.48
CA VAL A 262 -3.56 -13.61 3.48
C VAL A 262 -2.21 -13.55 2.72
N ASN A 263 -2.19 -12.83 1.61
CA ASN A 263 -0.95 -12.65 0.87
C ASN A 263 0.14 -11.93 1.65
N MET A 264 -0.21 -10.87 2.39
CA MET A 264 0.81 -10.20 3.23
C MET A 264 1.36 -11.17 4.29
N LYS A 265 0.50 -12.06 4.77
CA LYS A 265 0.90 -13.02 5.83
C LYS A 265 1.70 -14.25 5.31
N LYS A 266 1.93 -14.32 3.98
CA LYS A 266 2.75 -15.37 3.44
C LYS A 266 4.21 -15.24 3.87
N ASN A 267 4.62 -14.02 4.21
CA ASN A 267 6.00 -13.79 4.65
C ASN A 267 6.10 -14.08 6.15
N THR A 268 7.11 -14.88 6.46
CA THR A 268 7.32 -15.40 7.82
C THR A 268 8.78 -15.20 8.21
N LEU A 269 9.06 -15.35 9.50
CA LEU A 269 10.47 -15.39 9.92
C LEU A 269 11.29 -16.46 9.17
N GLU A 270 10.72 -17.65 9.04
CA GLU A 270 11.41 -18.78 8.41
C GLU A 270 11.74 -18.52 6.93
N ASN A 271 10.77 -18.06 6.13
CA ASN A 271 11.06 -17.82 4.69
C ASN A 271 11.88 -16.53 4.47
N THR A 272 11.81 -15.61 5.42
CA THR A 272 12.67 -14.41 5.39
C THR A 272 14.12 -14.83 5.65
N LEU A 273 14.33 -15.69 6.67
CA LEU A 273 15.65 -16.24 6.91
C LEU A 273 16.15 -16.98 5.64
N HIS A 274 15.30 -17.82 5.04
CA HIS A 274 15.70 -18.59 3.87
C HIS A 274 16.12 -17.65 2.72
N ALA A 275 15.39 -16.56 2.59
CA ALA A 275 15.68 -15.54 1.58
C ALA A 275 17.07 -14.93 1.76
N LEU A 276 17.45 -14.62 2.99
CA LEU A 276 18.78 -14.10 3.24
C LEU A 276 19.89 -15.17 3.08
N GLN A 277 19.60 -16.42 3.46
CA GLN A 277 20.57 -17.51 3.31
C GLN A 277 20.90 -17.75 1.84
N THR A 278 19.86 -17.78 1.01
CA THR A 278 19.98 -18.09 -0.42
C THR A 278 20.11 -16.87 -1.34
N GLU A 279 19.83 -15.66 -0.82
CA GLU A 279 19.73 -14.43 -1.61
C GLU A 279 18.74 -14.59 -2.81
N SER A 280 17.55 -15.10 -2.49
CA SER A 280 16.45 -15.33 -3.46
C SER A 280 15.14 -14.93 -2.78
N PHE A 281 14.07 -14.61 -3.49
CA PHE A 281 13.98 -14.64 -4.95
C PHE A 281 14.07 -13.24 -5.54
N GLU A 282 14.98 -13.05 -6.49
CA GLU A 282 15.18 -11.76 -7.10
C GLU A 282 13.98 -11.36 -7.92
N VAL A 283 13.58 -10.11 -7.74
CA VAL A 283 12.51 -9.48 -8.52
C VAL A 283 13.15 -8.92 -9.79
N ILE A 284 12.73 -9.46 -10.93
CA ILE A 284 13.26 -9.07 -12.22
C ILE A 284 12.11 -8.64 -13.11
N LEU A 285 12.25 -7.47 -13.72
CA LEU A 285 11.30 -6.98 -14.71
C LEU A 285 12.06 -6.77 -16.00
N PRO A 286 11.38 -6.97 -17.14
CA PRO A 286 12.05 -6.58 -18.38
C PRO A 286 12.38 -5.08 -18.37
N LYS A 287 13.51 -4.72 -18.97
N LYS A 287 13.51 -4.71 -18.97
CA LYS A 287 13.94 -3.32 -19.08
CA LYS A 287 13.92 -3.31 -19.01
C LYS A 287 12.80 -2.45 -19.59
C LYS A 287 12.86 -2.40 -19.65
N GLU A 288 12.13 -2.94 -20.63
CA GLU A 288 11.02 -2.21 -21.26
C GLU A 288 9.86 -1.93 -20.31
N VAL A 289 9.57 -2.87 -19.39
CA VAL A 289 8.53 -2.69 -18.41
C VAL A 289 8.90 -1.58 -17.44
N ILE A 290 10.15 -1.60 -17.01
CA ILE A 290 10.67 -0.56 -16.08
C ILE A 290 10.56 0.81 -16.73
N GLU A 291 11.05 0.94 -17.95
CA GLU A 291 11.01 2.20 -18.70
C GLU A 291 9.57 2.69 -18.90
N LYS A 292 8.66 1.79 -19.28
CA LYS A 292 7.28 2.19 -19.57
C LYS A 292 6.50 2.56 -18.30
N ALA A 293 6.66 1.73 -17.27
CA ALA A 293 5.98 1.98 -15.98
C ALA A 293 6.47 3.24 -15.27
N LYS A 294 7.75 3.58 -15.45
CA LYS A 294 8.31 4.82 -14.91
C LYS A 294 7.57 6.06 -15.37
N LYS A 295 7.06 6.06 -16.61
CA LYS A 295 6.46 7.27 -17.17
C LYS A 295 5.29 7.81 -16.34
N PRO A 296 4.28 6.95 -16.01
CA PRO A 296 3.18 7.51 -15.20
C PRO A 296 3.55 7.75 -13.72
N ILE A 297 4.58 7.08 -13.23
CA ILE A 297 5.11 7.36 -11.87
C ILE A 297 5.71 8.76 -11.86
N LEU A 298 6.56 9.07 -12.85
CA LEU A 298 7.11 10.43 -12.94
C LEU A 298 6.02 11.49 -13.13
N ARG A 299 4.99 11.16 -13.91
CA ARG A 299 3.87 12.08 -14.07
C ARG A 299 3.22 12.43 -12.71
N MET A 300 3.08 11.41 -11.86
CA MET A 300 2.59 11.58 -10.49
C MET A 300 3.48 12.52 -9.70
N PHE A 301 4.78 12.24 -9.69
CA PHE A 301 5.74 13.09 -8.97
C PHE A 301 5.66 14.55 -9.43
N GLU A 302 5.55 14.74 -10.76
CA GLU A 302 5.39 16.06 -11.35
C GLU A 302 4.13 16.80 -10.90
N LEU A 303 3.02 16.10 -10.87
CA LEU A 303 1.77 16.69 -10.47
C LEU A 303 1.81 17.08 -9.00
N MET A 304 2.40 16.24 -8.17
CA MET A 304 2.47 16.46 -6.73
C MET A 304 3.57 17.44 -6.29
N GLY A 305 4.57 17.64 -7.15
CA GLY A 305 5.69 18.53 -6.82
C GLY A 305 5.20 19.96 -6.79
FE1 SF4 B . -6.11 -5.65 -0.16
FE2 SF4 B . -3.98 -7.35 0.37
FE3 SF4 B . -3.57 -4.67 -0.03
FE4 SF4 B . -4.29 -6.21 -2.13
S1 SF4 B . -2.31 -6.45 -0.94
S2 SF4 B . -5.22 -4.13 -1.63
S3 SF4 B . -5.76 -7.73 -1.14
S4 SF4 B . -4.76 -5.61 1.70
OAE XQB C . -2.22 2.41 2.75
CAJ XQB C . -1.53 1.54 2.16
OAC XQB C . -0.56 1.00 2.75
CAL XQB C . -1.90 1.25 0.90
NAA XQB C . -2.93 1.91 0.40
CAN XQB C . -1.27 0.30 -0.08
CAK XQB C . 0.10 0.81 -0.38
OAF XQB C . 1.03 0.50 0.39
OAD XQB C . 0.28 1.55 -1.38
CAI XQB C . -1.06 -1.14 0.37
CAM XQB C . -2.20 -2.11 0.60
OAG XQB C . -2.00 -3.27 -0.22
CAH XQB C . -3.58 -1.54 0.41
OAB XQB C . -4.52 -2.04 1.02
C1 GOL D . -6.15 9.77 -22.68
O1 GOL D . -5.27 9.34 -23.75
C2 GOL D . -5.85 11.21 -22.29
O2 GOL D . -5.94 12.06 -23.44
C3 GOL D . -4.43 11.25 -21.75
O3 GOL D . -4.09 12.54 -21.23
CL CL E . 19.28 2.03 -8.62
O1 YQA F . -0.60 2.56 2.70
C7 YQA F . -1.74 2.27 2.31
O2 YQA F . -2.66 3.07 2.63
C2 YQA F . -2.00 1.01 1.58
N1 YQA F . -3.13 0.38 1.89
C6 YQA F . -3.47 -0.76 1.51
C5 YQA F . -2.82 -1.44 0.35
O9 YQA F . -2.82 -2.86 0.54
C4 YQA F . -1.39 -0.95 0.16
C3 YQA F . -1.15 0.43 0.71
C8 YQA F . 0.04 1.12 0.24
O4 YQA F . 1.14 0.55 0.33
O3 YQA F . -0.10 2.27 -0.23
CL CL G . -3.21 16.79 -17.48
#